data_2W38
#
_entry.id   2W38
#
_cell.length_a   126.200
_cell.length_b   126.200
_cell.length_c   126.200
_cell.angle_alpha   90.00
_cell.angle_beta   90.00
_cell.angle_gamma   90.00
#
_symmetry.space_group_name_H-M   'P 21 3'
#
loop_
_entity.id
_entity.type
_entity.pdbx_description
1 polymer SIALIDASE
2 non-polymer GLYCEROL
3 water water
#
_entity_poly.entity_id   1
_entity_poly.type   'polypeptide(L)'
_entity_poly.pdbx_seq_one_letter_code
;MNTYFDIPHRLVGKALYESYYDHFGQMDILSDGSLYLIYRRATEHVGGSDGRVVFSKLEGGIWSAPTIVAQAGGQDFRDV
AGGTMPSGRIVAASTVYETGEVKVYVSDDSGVTWVHKFTLARGGADYNFAHGKSFQVGARYVIPLYAATGVNYELKWLES
SDGGETWGEGSTIYSGNTPYNETSYLPVGDGVILAVARVGSGAGGALRQFISLDDGGTWTDQGNVTAQNGDSTDILVAPS
LSYIYSEGGTPHVVLLYTNRTTHFCYYRTILLAKAVAGSSGWTERVPVYSAPAASGYTSQVVLGGRRILGNLFRETSSTT
SGAYQFEVYLGGVPDFESDWFSVSSNSLYTLSHGLQRSPRRVVVEFARSSSPSTWNIVMPSYFNDGGHKGSGAQVEVGSL
NIRLGTGAAVWGTGYFGGIDNSATTRFATGYYRVRAWI
;
_entity_poly.pdbx_strand_id   A
#
loop_
_chem_comp.id
_chem_comp.type
_chem_comp.name
_chem_comp.formula
GOL non-polymer GLYCEROL 'C3 H8 O3'
#
# COMPACT_ATOMS: atom_id res chain seq x y z
N ILE A 7 -22.86 9.35 3.19
CA ILE A 7 -21.58 9.99 3.17
C ILE A 7 -20.57 9.59 4.24
N PRO A 8 -20.80 9.60 5.50
CA PRO A 8 -19.75 9.00 6.35
C PRO A 8 -19.71 7.48 6.21
N HIS A 9 -18.58 6.88 6.58
CA HIS A 9 -18.44 5.44 6.53
C HIS A 9 -17.79 4.89 7.77
N ARG A 10 -18.13 3.65 8.11
CA ARG A 10 -17.47 3.05 9.24
C ARG A 10 -17.23 1.58 8.93
N LEU A 11 -15.96 1.21 8.71
CA LEU A 11 -15.63 -0.15 8.31
C LEU A 11 -15.02 -0.97 9.44
N VAL A 12 -14.87 -0.37 10.61
CA VAL A 12 -14.27 -1.08 11.73
C VAL A 12 -15.08 -2.35 12.05
N GLY A 13 -14.41 -3.49 12.02
CA GLY A 13 -15.03 -4.76 12.37
C GLY A 13 -15.96 -5.33 11.30
N LYS A 14 -16.07 -4.68 10.14
CA LYS A 14 -17.04 -5.17 9.17
C LYS A 14 -16.47 -6.33 8.38
N ALA A 15 -17.33 -7.26 7.97
CA ALA A 15 -16.87 -8.42 7.20
C ALA A 15 -17.99 -8.94 6.30
N LEU A 16 -17.58 -9.44 5.14
CA LEU A 16 -18.41 -10.27 4.28
C LEU A 16 -17.92 -11.72 4.35
N TYR A 17 -18.67 -12.58 5.02
CA TYR A 17 -18.27 -13.97 5.19
C TYR A 17 -19.48 -14.88 5.20
N GLU A 18 -19.54 -15.81 4.24
CA GLU A 18 -20.66 -16.72 4.15
C GLU A 18 -20.15 -18.16 3.96
N SER A 19 -18.96 -18.44 4.45
CA SER A 19 -18.34 -19.75 4.27
C SER A 19 -18.16 -20.16 2.80
N TYR A 20 -18.12 -19.21 1.88
CA TYR A 20 -17.63 -19.50 0.53
C TYR A 20 -16.11 -19.33 0.52
N TYR A 21 -15.48 -19.52 -0.64
CA TYR A 21 -14.11 -19.04 -0.81
C TYR A 21 -14.24 -17.75 -1.61
N ASP A 22 -14.36 -16.65 -0.87
CA ASP A 22 -14.50 -15.31 -1.46
C ASP A 22 -13.15 -14.61 -1.38
N HIS A 23 -12.63 -14.14 -2.51
CA HIS A 23 -11.25 -13.67 -2.51
C HIS A 23 -10.93 -12.86 -3.78
N PHE A 24 -9.71 -12.31 -3.80
CA PHE A 24 -9.10 -11.77 -5.02
C PHE A 24 -9.82 -10.59 -5.68
N GLY A 25 -10.47 -9.74 -4.88
CA GLY A 25 -11.35 -8.71 -5.44
C GLY A 25 -10.98 -7.28 -5.04
N GLN A 26 -11.89 -6.36 -5.31
CA GLN A 26 -11.66 -4.94 -5.12
C GLN A 26 -12.83 -4.32 -4.40
N MET A 27 -12.54 -3.43 -3.46
CA MET A 27 -13.56 -2.56 -2.87
C MET A 27 -13.46 -1.19 -3.55
N ASP A 28 -14.60 -0.59 -3.85
CA ASP A 28 -14.64 0.79 -4.33
C ASP A 28 -15.94 1.46 -3.86
N ILE A 29 -16.24 2.63 -4.36
CA ILE A 29 -17.37 3.38 -3.86
C ILE A 29 -18.25 3.82 -5.04
N LEU A 30 -19.57 3.75 -4.85
CA LEU A 30 -20.55 4.13 -5.88
C LEU A 30 -20.82 5.63 -5.88
N SER A 31 -21.47 6.14 -6.93
CA SER A 31 -21.75 7.58 -7.07
C SER A 31 -22.50 8.05 -5.84
N ASP A 32 -23.41 7.20 -5.38
CA ASP A 32 -24.26 7.54 -4.24
C ASP A 32 -23.59 7.33 -2.88
N GLY A 33 -22.27 7.11 -2.87
CA GLY A 33 -21.51 7.02 -1.62
C GLY A 33 -21.49 5.64 -1.00
N SER A 34 -22.22 4.71 -1.61
CA SER A 34 -22.24 3.32 -1.14
C SER A 34 -20.97 2.57 -1.49
N LEU A 35 -20.41 1.89 -0.49
CA LEU A 35 -19.26 1.02 -0.75
C LEU A 35 -19.68 -0.30 -1.37
N TYR A 36 -18.85 -0.87 -2.23
CA TYR A 36 -19.18 -2.17 -2.79
C TYR A 36 -17.93 -3.01 -2.97
N LEU A 37 -18.13 -4.31 -3.19
CA LEU A 37 -17.03 -5.22 -3.45
C LEU A 37 -17.33 -5.96 -4.76
N ILE A 38 -16.30 -6.16 -5.58
CA ILE A 38 -16.41 -7.06 -6.73
C ILE A 38 -15.32 -8.08 -6.56
N TYR A 39 -15.66 -9.37 -6.66
CA TYR A 39 -14.72 -10.39 -6.23
C TYR A 39 -15.06 -11.75 -6.81
N ARG A 40 -14.15 -12.71 -6.64
CA ARG A 40 -14.37 -14.06 -7.09
C ARG A 40 -15.02 -14.83 -5.95
N ARG A 41 -16.22 -15.35 -6.20
CA ARG A 41 -16.84 -16.24 -5.25
C ARG A 41 -16.72 -17.66 -5.79
N ALA A 42 -16.32 -18.58 -4.92
CA ALA A 42 -16.09 -19.99 -5.30
C ALA A 42 -16.29 -20.88 -4.09
N THR A 43 -16.07 -22.17 -4.29
CA THR A 43 -16.03 -23.13 -3.19
C THR A 43 -14.65 -23.81 -3.10
N GLU A 44 -13.67 -23.22 -3.79
CA GLU A 44 -12.28 -23.68 -3.75
C GLU A 44 -11.40 -22.57 -4.28
N HIS A 45 -10.10 -22.68 -4.05
CA HIS A 45 -9.15 -21.73 -4.64
C HIS A 45 -8.44 -22.33 -5.85
N VAL A 46 -8.38 -23.67 -5.93
CA VAL A 46 -7.61 -24.31 -7.00
C VAL A 46 -8.06 -23.88 -8.40
N GLY A 47 -7.10 -23.78 -9.33
CA GLY A 47 -7.41 -23.46 -10.70
C GLY A 47 -8.35 -24.49 -11.29
N GLY A 48 -9.28 -24.04 -12.11
CA GLY A 48 -10.25 -24.94 -12.72
C GLY A 48 -11.38 -25.36 -11.77
N SER A 49 -11.55 -24.60 -10.70
CA SER A 49 -12.69 -24.83 -9.81
C SER A 49 -13.90 -23.98 -10.23
N ASP A 50 -14.68 -23.49 -9.27
CA ASP A 50 -15.97 -22.87 -9.61
C ASP A 50 -16.06 -21.33 -9.48
N GLY A 51 -15.00 -20.61 -9.83
CA GLY A 51 -15.04 -19.14 -9.70
C GLY A 51 -16.08 -18.44 -10.55
N ARG A 52 -16.88 -17.58 -9.90
CA ARG A 52 -17.81 -16.70 -10.60
C ARG A 52 -17.50 -15.26 -10.11
N VAL A 53 -17.62 -14.26 -10.98
CA VAL A 53 -17.45 -12.87 -10.59
C VAL A 53 -18.75 -12.37 -9.98
N VAL A 54 -18.70 -11.79 -8.79
CA VAL A 54 -19.88 -11.35 -8.09
C VAL A 54 -19.69 -9.92 -7.55
N PHE A 55 -20.81 -9.27 -7.28
CA PHE A 55 -20.84 -7.90 -6.74
C PHE A 55 -21.69 -7.88 -5.46
N SER A 56 -21.20 -7.24 -4.41
CA SER A 56 -21.98 -7.04 -3.19
C SER A 56 -21.90 -5.57 -2.77
N LYS A 57 -23.02 -5.03 -2.32
CA LYS A 57 -23.05 -3.65 -1.85
C LYS A 57 -23.23 -3.57 -0.33
N LEU A 58 -22.52 -2.65 0.32
CA LEU A 58 -22.67 -2.47 1.77
C LEU A 58 -23.80 -1.49 2.05
N GLU A 59 -24.87 -2.00 2.68
CA GLU A 59 -26.12 -1.25 2.88
C GLU A 59 -26.57 -1.46 4.31
N GLY A 60 -26.74 -0.38 5.07
CA GLY A 60 -27.13 -0.54 6.45
C GLY A 60 -26.12 -1.34 7.29
N GLY A 61 -24.86 -1.35 6.87
CA GLY A 61 -23.86 -2.08 7.61
C GLY A 61 -23.85 -3.57 7.28
N ILE A 62 -24.65 -3.97 6.29
CA ILE A 62 -24.76 -5.38 5.89
C ILE A 62 -24.40 -5.57 4.43
N TRP A 63 -23.44 -6.45 4.17
CA TRP A 63 -23.08 -6.73 2.78
C TRP A 63 -24.23 -7.48 2.10
N SER A 64 -24.66 -6.98 0.95
CA SER A 64 -25.82 -7.55 0.26
C SER A 64 -25.55 -8.96 -0.28
N ALA A 65 -26.61 -9.76 -0.39
CA ALA A 65 -26.53 -11.01 -1.13
C ALA A 65 -26.01 -10.64 -2.49
N PRO A 66 -24.89 -11.23 -2.92
CA PRO A 66 -24.19 -10.85 -4.15
C PRO A 66 -24.97 -11.04 -5.46
N THR A 67 -24.74 -10.13 -6.39
CA THR A 67 -25.23 -10.26 -7.76
C THR A 67 -24.17 -11.00 -8.55
N ILE A 68 -24.60 -11.92 -9.42
CA ILE A 68 -23.69 -12.61 -10.30
C ILE A 68 -23.31 -11.71 -11.47
N VAL A 69 -22.02 -11.49 -11.66
CA VAL A 69 -21.55 -10.63 -12.71
C VAL A 69 -21.25 -11.51 -13.92
N ALA A 70 -20.61 -12.65 -13.68
CA ALA A 70 -20.21 -13.55 -14.74
C ALA A 70 -19.94 -14.93 -14.18
N GLN A 71 -20.54 -15.94 -14.80
CA GLN A 71 -20.35 -17.34 -14.36
C GLN A 71 -20.47 -18.26 -15.58
N ALA A 72 -19.65 -19.27 -15.62
CA ALA A 72 -19.78 -20.24 -16.69
C ALA A 72 -19.38 -21.59 -16.28
N GLY A 73 -20.28 -22.53 -16.41
CA GLY A 73 -19.87 -23.88 -16.17
C GLY A 73 -19.14 -24.16 -17.45
N GLY A 74 -18.15 -25.00 -17.38
CA GLY A 74 -17.42 -25.32 -16.22
C GLY A 74 -16.15 -24.54 -16.47
N GLN A 75 -16.26 -23.25 -16.27
CA GLN A 75 -15.07 -22.41 -16.29
C GLN A 75 -14.85 -21.71 -14.95
N ASP A 76 -13.61 -21.26 -14.75
CA ASP A 76 -13.21 -20.76 -13.46
C ASP A 76 -12.66 -19.34 -13.56
N PHE A 77 -13.49 -18.35 -13.24
CA PHE A 77 -12.99 -16.96 -13.19
C PHE A 77 -12.00 -16.82 -12.02
N ARG A 78 -10.92 -16.09 -12.26
CA ARG A 78 -9.87 -15.95 -11.26
C ARG A 78 -9.99 -14.56 -10.58
N ASP A 79 -8.90 -13.79 -10.48
CA ASP A 79 -8.99 -12.49 -9.75
C ASP A 79 -9.98 -11.56 -10.42
N VAL A 80 -10.59 -10.69 -9.61
CA VAL A 80 -11.46 -9.66 -10.14
C VAL A 80 -10.81 -8.29 -10.01
N ALA A 81 -10.52 -7.69 -11.16
CA ALA A 81 -9.95 -6.35 -11.23
C ALA A 81 -11.07 -5.39 -11.53
N GLY A 82 -10.87 -4.10 -11.24
CA GLY A 82 -11.85 -3.10 -11.59
C GLY A 82 -12.06 -2.05 -10.52
N GLY A 83 -13.22 -1.41 -10.57
CA GLY A 83 -13.51 -0.24 -9.76
C GLY A 83 -14.46 0.70 -10.48
N THR A 84 -14.59 1.90 -9.94
CA THR A 84 -15.60 2.84 -10.41
C THR A 84 -14.99 3.84 -11.38
N MET A 85 -15.58 3.96 -12.57
CA MET A 85 -15.12 4.95 -13.54
C MET A 85 -15.67 6.32 -13.19
N PRO A 86 -15.06 7.38 -13.76
CA PRO A 86 -15.50 8.76 -13.50
C PRO A 86 -17.01 8.98 -13.76
N SER A 87 -17.57 8.29 -14.75
CA SER A 87 -18.99 8.38 -15.08
C SER A 87 -19.91 7.74 -14.04
N GLY A 88 -19.34 6.95 -13.12
CA GLY A 88 -20.17 6.19 -12.20
C GLY A 88 -20.44 4.76 -12.67
N ARG A 89 -20.09 4.48 -13.93
CA ARG A 89 -20.12 3.10 -14.42
C ARG A 89 -19.12 2.25 -13.62
N ILE A 90 -19.51 1.03 -13.22
CA ILE A 90 -18.58 0.10 -12.60
C ILE A 90 -17.98 -0.84 -13.63
N VAL A 91 -16.70 -1.17 -13.45
CA VAL A 91 -16.01 -2.11 -14.30
C VAL A 91 -15.56 -3.32 -13.48
N ALA A 92 -15.81 -4.52 -14.00
CA ALA A 92 -15.27 -5.73 -13.40
C ALA A 92 -14.66 -6.56 -14.51
N ALA A 93 -13.42 -7.01 -14.31
CA ALA A 93 -12.71 -7.82 -15.28
C ALA A 93 -12.02 -8.99 -14.60
N SER A 94 -12.01 -10.14 -15.27
CA SER A 94 -11.48 -11.36 -14.68
C SER A 94 -10.96 -12.31 -15.76
N THR A 95 -9.86 -12.99 -15.48
CA THR A 95 -9.28 -13.97 -16.41
C THR A 95 -9.96 -15.33 -16.24
N VAL A 96 -10.37 -15.95 -17.35
CA VAL A 96 -10.91 -17.31 -17.33
C VAL A 96 -9.78 -18.30 -17.29
N TYR A 97 -9.72 -19.08 -16.22
CA TYR A 97 -8.57 -19.96 -15.98
C TYR A 97 -8.29 -20.88 -17.17
N GLU A 98 -9.35 -21.38 -17.78
CA GLU A 98 -9.18 -22.45 -18.75
C GLU A 98 -8.61 -21.94 -20.06
N THR A 99 -8.92 -20.69 -20.41
CA THR A 99 -8.58 -20.12 -21.71
C THR A 99 -7.51 -19.01 -21.69
N GLY A 100 -7.21 -18.46 -20.51
CA GLY A 100 -6.27 -17.35 -20.40
C GLY A 100 -6.82 -16.05 -20.97
N GLU A 101 -8.12 -16.01 -21.26
CA GLU A 101 -8.77 -14.82 -21.79
C GLU A 101 -9.28 -13.89 -20.67
N VAL A 102 -9.23 -12.58 -20.91
CA VAL A 102 -9.74 -11.62 -19.94
C VAL A 102 -11.10 -11.19 -20.38
N LYS A 103 -12.09 -11.30 -19.50
CA LYS A 103 -13.41 -10.83 -19.84
C LYS A 103 -13.80 -9.61 -19.02
N VAL A 104 -14.37 -8.61 -19.71
CA VAL A 104 -14.72 -7.32 -19.11
C VAL A 104 -16.23 -7.06 -19.08
N TYR A 105 -16.74 -6.77 -17.89
CA TYR A 105 -18.14 -6.45 -17.68
C TYR A 105 -18.31 -5.04 -17.12
N VAL A 106 -19.39 -4.36 -17.47
CA VAL A 106 -19.68 -3.06 -16.87
C VAL A 106 -21.10 -3.03 -16.35
N SER A 107 -21.35 -2.09 -15.46
CA SER A 107 -22.69 -1.87 -14.95
C SER A 107 -22.97 -0.38 -14.87
N ASP A 108 -24.13 0.01 -15.37
CA ASP A 108 -24.55 1.41 -15.38
C ASP A 108 -25.64 1.72 -14.35
N ASP A 109 -26.03 0.73 -13.58
CA ASP A 109 -27.03 0.91 -12.54
C ASP A 109 -26.53 0.45 -11.16
N SER A 110 -25.65 0.55 -11.04
CA SER A 110 -24.74 0.30 -9.95
C SER A 110 -24.79 -1.04 -9.17
N GLY A 111 -24.44 -2.04 -9.97
CA GLY A 111 -24.33 -3.41 -9.60
C GLY A 111 -25.53 -4.23 -9.91
N VAL A 112 -26.65 -3.63 -10.27
CA VAL A 112 -27.87 -4.41 -10.51
C VAL A 112 -27.78 -5.20 -11.78
N THR A 113 -27.41 -4.56 -12.87
CA THR A 113 -27.27 -5.24 -14.15
C THR A 113 -25.84 -5.15 -14.67
N TRP A 114 -25.38 -6.21 -15.30
CA TRP A 114 -24.04 -6.24 -15.87
C TRP A 114 -24.08 -6.60 -17.36
N VAL A 115 -23.17 -6.01 -18.13
CA VAL A 115 -23.07 -6.21 -19.58
C VAL A 115 -21.66 -6.60 -19.98
N HIS A 116 -21.50 -7.68 -20.72
CA HIS A 116 -20.20 -8.09 -21.22
C HIS A 116 -19.78 -7.18 -22.38
N LYS A 117 -18.62 -6.52 -22.24
CA LYS A 117 -18.18 -5.53 -23.20
C LYS A 117 -17.04 -5.99 -24.06
N PHE A 118 -16.26 -6.96 -23.58
CA PHE A 118 -14.99 -7.26 -24.23
C PHE A 118 -14.39 -8.57 -23.76
N THR A 119 -13.81 -9.31 -24.70
CA THR A 119 -12.96 -10.42 -24.33
C THR A 119 -11.60 -10.20 -24.96
N LEU A 120 -10.54 -10.35 -24.17
CA LEU A 120 -9.20 -10.28 -24.71
C LEU A 120 -8.66 -11.67 -24.95
N ALA A 121 -8.37 -11.99 -26.22
CA ALA A 121 -7.73 -13.27 -26.56
C ALA A 121 -6.26 -13.24 -26.18
N ARG A 122 -5.69 -14.40 -25.95
CA ARG A 122 -4.32 -14.54 -25.57
C ARG A 122 -3.37 -14.03 -26.63
N GLY A 123 -3.75 -14.22 -27.88
CA GLY A 123 -2.80 -14.09 -28.95
C GLY A 123 -1.68 -15.06 -28.71
N GLY A 124 -0.47 -14.57 -28.79
CA GLY A 124 0.67 -15.42 -28.58
C GLY A 124 1.05 -15.66 -27.14
N ALA A 125 0.35 -15.03 -26.21
CA ALA A 125 0.68 -15.14 -24.81
C ALA A 125 0.10 -16.41 -24.21
N ASP A 126 0.79 -16.96 -23.26
CA ASP A 126 0.23 -18.08 -22.51
C ASP A 126 -1.10 -17.68 -21.86
N TYR A 127 -1.18 -16.44 -21.38
CA TYR A 127 -2.42 -15.92 -20.80
C TYR A 127 -2.29 -14.42 -20.56
N ASN A 128 -3.42 -13.73 -20.43
CA ASN A 128 -3.44 -12.43 -19.78
C ASN A 128 -4.19 -12.53 -18.47
N PHE A 129 -3.58 -12.02 -17.39
CA PHE A 129 -4.17 -12.13 -16.05
C PHE A 129 -4.59 -10.76 -15.52
N ALA A 130 -5.89 -10.53 -15.45
CA ALA A 130 -6.42 -9.29 -14.90
C ALA A 130 -6.22 -9.27 -13.38
N HIS A 131 -5.72 -8.16 -12.85
CA HIS A 131 -5.59 -8.02 -11.40
C HIS A 131 -5.53 -6.54 -11.00
N GLY A 132 -6.24 -6.19 -9.93
CA GLY A 132 -6.04 -4.91 -9.26
C GLY A 132 -7.12 -3.86 -9.44
N LYS A 133 -6.94 -2.72 -8.76
CA LYS A 133 -7.84 -1.60 -8.86
C LYS A 133 -7.62 -0.88 -10.21
N SER A 134 -8.68 -0.70 -10.98
CA SER A 134 -8.56 0.05 -12.23
C SER A 134 -8.56 1.56 -11.90
N PHE A 135 -8.16 2.40 -12.85
CA PHE A 135 -8.00 3.83 -12.56
C PHE A 135 -8.06 4.65 -13.84
N GLN A 136 -8.30 5.94 -13.70
CA GLN A 136 -8.34 6.86 -14.85
C GLN A 136 -6.96 7.46 -15.10
N VAL A 137 -6.55 7.49 -16.37
CA VAL A 137 -5.36 8.22 -16.80
C VAL A 137 -5.75 9.12 -17.95
N GLY A 138 -5.95 10.41 -17.65
CA GLY A 138 -6.43 11.35 -18.64
C GLY A 138 -7.78 10.95 -19.21
N ALA A 139 -7.79 10.63 -20.50
CA ALA A 139 -9.03 10.25 -21.19
C ALA A 139 -9.22 8.74 -21.19
N ARG A 140 -8.25 8.03 -20.62
CA ARG A 140 -8.22 6.59 -20.62
C ARG A 140 -8.58 6.01 -19.26
N TYR A 141 -9.32 4.90 -19.27
CA TYR A 141 -9.53 4.10 -18.09
C TYR A 141 -8.81 2.75 -18.28
N VAL A 142 -8.10 2.32 -17.24
CA VAL A 142 -7.12 1.24 -17.35
C VAL A 142 -7.44 0.08 -16.41
N ILE A 143 -7.33 -1.14 -16.95
CA ILE A 143 -7.38 -2.35 -16.15
C ILE A 143 -6.00 -2.97 -16.28
N PRO A 144 -5.30 -3.16 -15.16
CA PRO A 144 -3.95 -3.76 -15.23
C PRO A 144 -3.98 -5.26 -15.54
N LEU A 145 -2.99 -5.72 -16.32
CA LEU A 145 -2.84 -7.13 -16.67
C LEU A 145 -1.40 -7.53 -16.46
N TYR A 146 -1.18 -8.79 -16.05
CA TYR A 146 0.14 -9.37 -16.25
C TYR A 146 0.04 -10.58 -17.19
N ALA A 147 1.15 -10.88 -17.87
CA ALA A 147 1.17 -11.93 -18.89
C ALA A 147 2.48 -12.68 -18.85
N ALA A 148 2.44 -13.93 -19.32
CA ALA A 148 3.66 -14.70 -19.54
C ALA A 148 3.57 -15.31 -20.93
N THR A 149 4.73 -15.45 -21.56
CA THR A 149 4.85 -16.16 -22.82
C THR A 149 6.10 -16.99 -22.68
N GLY A 150 5.89 -18.24 -22.26
CA GLY A 150 6.99 -19.07 -21.82
C GLY A 150 7.68 -18.40 -20.64
N VAL A 151 8.87 -17.88 -20.88
CA VAL A 151 9.65 -17.33 -19.77
C VAL A 151 9.96 -15.84 -19.96
N ASN A 152 9.27 -15.23 -20.92
CA ASN A 152 9.10 -13.79 -20.99
C ASN A 152 7.87 -13.40 -20.18
N TYR A 153 7.94 -12.26 -19.51
CA TYR A 153 6.88 -11.79 -18.64
C TYR A 153 6.60 -10.34 -18.98
N GLU A 154 5.33 -9.97 -18.96
CA GLU A 154 4.98 -8.59 -19.26
C GLU A 154 3.98 -8.00 -18.26
N LEU A 155 4.10 -6.70 -18.02
CA LEU A 155 3.08 -5.93 -17.32
C LEU A 155 2.42 -5.02 -18.35
N LYS A 156 1.09 -5.04 -18.42
CA LYS A 156 0.37 -4.29 -19.44
C LYS A 156 -0.89 -3.59 -18.94
N TRP A 157 -1.38 -2.64 -19.72
CA TRP A 157 -2.63 -1.99 -19.42
C TRP A 157 -3.64 -2.32 -20.48
N LEU A 158 -4.84 -2.70 -20.05
CA LEU A 158 -5.97 -2.84 -20.93
C LEU A 158 -6.76 -1.57 -20.80
N GLU A 159 -6.98 -0.86 -21.92
CA GLU A 159 -7.46 0.51 -21.86
C GLU A 159 -8.75 0.72 -22.63
N SER A 160 -9.57 1.66 -22.16
CA SER A 160 -10.69 2.19 -22.93
C SER A 160 -10.64 3.71 -22.92
N SER A 161 -10.85 4.33 -24.06
CA SER A 161 -10.88 5.79 -24.13
C SER A 161 -12.29 6.29 -24.40
N ASP A 162 -13.27 5.40 -24.37
CA ASP A 162 -14.65 5.80 -24.63
C ASP A 162 -15.60 5.46 -23.49
N GLY A 163 -15.06 5.42 -22.27
CA GLY A 163 -15.89 5.18 -21.10
C GLY A 163 -16.29 3.74 -20.91
N GLY A 164 -15.54 2.83 -21.51
CA GLY A 164 -15.73 1.41 -21.27
C GLY A 164 -16.50 0.68 -22.36
N GLU A 165 -16.80 1.37 -23.46
CA GLU A 165 -17.58 0.79 -24.54
C GLU A 165 -16.69 -0.12 -25.36
N THR A 166 -15.47 0.31 -25.56
CA THR A 166 -14.50 -0.52 -26.26
C THR A 166 -13.13 -0.47 -25.56
N TRP A 167 -12.38 -1.56 -25.71
CA TRP A 167 -11.15 -1.77 -24.96
C TRP A 167 -10.06 -2.25 -25.89
N GLY A 168 -8.81 -2.13 -25.44
CA GLY A 168 -7.70 -2.61 -26.21
C GLY A 168 -6.42 -2.56 -25.42
N GLU A 169 -5.51 -3.47 -25.73
CA GLU A 169 -4.17 -3.48 -25.17
C GLU A 169 -3.56 -2.11 -25.36
N GLY A 170 -2.94 -1.58 -24.32
CA GLY A 170 -2.33 -0.27 -24.42
C GLY A 170 -0.88 -0.28 -23.99
N SER A 171 -0.59 0.63 -23.08
CA SER A 171 0.77 0.78 -22.59
C SER A 171 1.33 -0.55 -22.07
N THR A 172 2.63 -0.74 -22.28
CA THR A 172 3.36 -1.89 -21.76
C THR A 172 4.37 -1.36 -20.75
N ILE A 173 4.27 -1.86 -19.52
CA ILE A 173 5.03 -1.32 -18.40
C ILE A 173 6.37 -2.02 -18.26
N TYR A 174 6.36 -3.33 -18.53
CA TYR A 174 7.53 -4.16 -18.36
C TYR A 174 7.50 -5.34 -19.33
N SER A 175 8.67 -5.74 -19.80
CA SER A 175 8.78 -6.92 -20.64
C SER A 175 10.19 -7.45 -20.46
N GLY A 176 10.31 -8.63 -19.86
CA GLY A 176 11.61 -9.15 -19.51
C GLY A 176 11.52 -10.50 -18.85
N ASN A 177 12.62 -10.91 -18.25
CA ASN A 177 12.79 -12.25 -17.72
C ASN A 177 12.39 -12.39 -16.25
N THR A 178 11.91 -11.30 -15.66
CA THR A 178 11.52 -11.34 -14.25
C THR A 178 10.01 -11.40 -14.12
N PRO A 179 9.51 -12.39 -13.36
CA PRO A 179 8.05 -12.59 -13.31
C PRO A 179 7.30 -11.62 -12.38
N TYR A 180 7.43 -10.32 -12.65
CA TYR A 180 6.58 -9.32 -11.99
C TYR A 180 5.16 -9.64 -12.36
N ASN A 181 4.24 -9.54 -11.40
CA ASN A 181 2.85 -9.85 -11.69
C ASN A 181 1.81 -8.88 -11.10
N GLU A 182 1.28 -9.20 -9.90
CA GLU A 182 0.31 -8.32 -9.24
C GLU A 182 0.93 -6.94 -9.03
N THR A 183 0.38 -5.94 -9.69
CA THR A 183 0.99 -4.63 -9.72
C THR A 183 -0.09 -3.59 -9.48
N SER A 184 0.17 -2.70 -8.52
CA SER A 184 -0.77 -1.61 -8.25
C SER A 184 -0.24 -0.34 -8.91
N TYR A 185 -1.14 0.42 -9.53
CA TYR A 185 -0.73 1.67 -10.19
C TYR A 185 -1.43 2.83 -9.52
N LEU A 186 -0.71 3.91 -9.25
CA LEU A 186 -1.35 5.06 -8.61
C LEU A 186 -1.07 6.34 -9.39
N PRO A 187 -2.07 6.93 -10.02
CA PRO A 187 -1.89 8.25 -10.59
C PRO A 187 -1.66 9.26 -9.47
N VAL A 188 -0.62 9.94 -9.60
CA VAL A 188 -0.26 10.89 -8.58
C VAL A 188 -0.23 12.42 -8.89
N GLY A 189 -0.87 13.02 -9.78
CA GLY A 189 -0.78 12.97 -11.18
C GLY A 189 -0.02 13.97 -12.06
N ASP A 190 -0.75 14.70 -12.87
CA ASP A 190 -0.27 15.38 -14.06
C ASP A 190 0.87 14.61 -14.74
N GLY A 191 0.54 13.42 -15.22
CA GLY A 191 1.44 12.58 -15.98
C GLY A 191 2.23 11.54 -15.17
N VAL A 192 2.27 11.72 -13.86
CA VAL A 192 3.09 10.84 -13.02
C VAL A 192 2.27 9.66 -12.49
N ILE A 193 2.75 8.46 -12.77
CA ILE A 193 2.09 7.24 -12.28
C ILE A 193 3.12 6.40 -11.58
N LEU A 194 2.83 6.04 -10.34
CA LEU A 194 3.71 5.17 -9.59
C LEU A 194 3.18 3.73 -9.65
N ALA A 195 4.07 2.76 -9.59
CA ALA A 195 3.65 1.35 -9.57
C ALA A 195 4.48 0.54 -8.61
N VAL A 196 3.85 -0.41 -7.93
CA VAL A 196 4.56 -1.33 -7.06
C VAL A 196 4.06 -2.74 -7.40
N ALA A 197 5.00 -3.67 -7.58
CA ALA A 197 4.73 -4.97 -8.17
C ALA A 197 5.20 -6.12 -7.27
N ARG A 198 4.37 -7.16 -7.15
CA ARG A 198 4.80 -8.42 -6.58
C ARG A 198 5.80 -9.06 -7.53
N VAL A 199 6.81 -9.71 -6.96
CA VAL A 199 7.87 -10.38 -7.71
C VAL A 199 7.68 -11.91 -7.65
N GLY A 200 7.22 -12.51 -8.73
CA GLY A 200 7.11 -13.98 -8.77
C GLY A 200 6.20 -14.51 -7.69
N SER A 201 6.69 -15.47 -6.92
CA SER A 201 5.87 -16.05 -5.85
C SER A 201 5.67 -15.04 -4.70
N GLY A 202 6.51 -14.01 -4.67
CA GLY A 202 6.51 -13.07 -3.55
C GLY A 202 7.65 -13.29 -2.58
N ALA A 203 8.21 -14.51 -2.55
CA ALA A 203 9.34 -14.81 -1.66
C ALA A 203 10.50 -13.85 -1.91
N GLY A 204 11.29 -13.57 -0.87
CA GLY A 204 12.43 -12.69 -1.05
C GLY A 204 12.38 -11.35 -0.31
N GLY A 205 11.22 -11.00 0.23
CA GLY A 205 11.09 -9.76 1.00
C GLY A 205 11.05 -8.47 0.17
N ALA A 206 10.81 -8.58 -1.13
CA ALA A 206 10.88 -7.39 -1.98
C ALA A 206 9.63 -7.15 -2.80
N LEU A 207 9.32 -5.87 -2.99
CA LEU A 207 8.30 -5.42 -3.92
C LEU A 207 9.03 -4.44 -4.83
N ARG A 208 8.69 -4.46 -6.11
CA ARG A 208 9.43 -3.67 -7.09
C ARG A 208 8.72 -2.37 -7.41
N GLN A 209 9.47 -1.27 -7.51
CA GLN A 209 8.87 0.06 -7.73
C GLN A 209 9.20 0.58 -9.12
N PHE A 210 8.17 0.97 -9.88
CA PHE A 210 8.36 1.56 -11.21
C PHE A 210 7.69 2.94 -11.21
N ILE A 211 8.11 3.80 -12.12
CA ILE A 211 7.45 5.10 -12.27
C ILE A 211 7.46 5.54 -13.75
N SER A 212 6.35 6.14 -14.17
CA SER A 212 6.21 6.84 -15.45
C SER A 212 5.94 8.33 -15.17
N LEU A 213 6.49 9.22 -16.00
CA LEU A 213 6.22 10.67 -15.88
C LEU A 213 5.36 11.17 -17.04
N ASP A 214 4.92 10.25 -17.88
CA ASP A 214 4.22 10.61 -19.10
C ASP A 214 2.98 9.75 -19.32
N ASP A 215 2.24 9.48 -18.25
CA ASP A 215 0.96 8.77 -18.36
C ASP A 215 1.12 7.40 -19.01
N GLY A 216 2.21 6.72 -18.69
CA GLY A 216 2.37 5.35 -19.13
C GLY A 216 3.13 5.18 -20.42
N GLY A 217 3.53 6.28 -21.05
CA GLY A 217 4.29 6.23 -22.28
C GLY A 217 5.62 5.51 -22.07
N THR A 218 6.34 5.92 -21.02
CA THR A 218 7.61 5.30 -20.72
C THR A 218 7.69 5.01 -19.22
N TRP A 219 8.55 4.05 -18.86
CA TRP A 219 8.65 3.57 -17.49
C TRP A 219 10.08 3.41 -17.05
N THR A 220 10.34 3.74 -15.79
CA THR A 220 11.65 3.47 -15.21
C THR A 220 11.51 2.49 -14.06
N ASP A 221 12.38 1.48 -14.08
CA ASP A 221 12.48 0.55 -12.96
C ASP A 221 13.31 1.23 -11.87
N GLN A 222 12.70 1.52 -10.73
CA GLN A 222 13.42 2.26 -9.69
C GLN A 222 14.08 1.36 -8.67
N GLY A 223 13.85 0.05 -8.77
CA GLY A 223 14.46 -0.89 -7.86
C GLY A 223 13.45 -1.39 -6.83
N ASN A 224 13.94 -2.05 -5.80
CA ASN A 224 13.07 -2.57 -4.76
C ASN A 224 12.61 -1.46 -3.81
N VAL A 225 11.34 -1.50 -3.46
CA VAL A 225 10.84 -0.68 -2.35
C VAL A 225 11.75 -0.85 -1.14
N THR A 226 12.28 0.26 -0.61
CA THR A 226 13.27 0.19 0.44
C THR A 226 12.96 1.10 1.65
N ALA A 227 12.97 0.50 2.84
CA ALA A 227 12.83 1.19 4.12
C ALA A 227 14.07 0.86 4.95
N GLN A 228 14.23 1.51 6.11
CA GLN A 228 15.35 1.15 6.97
C GLN A 228 15.19 -0.27 7.51
N ASN A 229 13.95 -0.60 7.87
CA ASN A 229 13.66 -1.89 8.46
C ASN A 229 12.68 -2.61 7.57
N GLY A 230 13.18 -3.59 6.83
CA GLY A 230 12.38 -4.25 5.81
C GLY A 230 11.54 -5.41 6.31
N ASP A 231 11.31 -6.38 5.43
CA ASP A 231 10.57 -7.61 5.71
C ASP A 231 11.44 -8.84 5.43
N SER A 232 12.71 -8.76 5.84
CA SER A 232 13.60 -9.92 5.69
C SER A 232 13.45 -10.52 4.28
N THR A 233 13.31 -11.84 4.20
CA THR A 233 13.06 -12.53 2.91
C THR A 233 11.60 -12.98 2.76
N ASP A 234 10.70 -12.36 3.53
CA ASP A 234 9.30 -12.76 3.58
C ASP A 234 8.54 -12.79 2.27
N ILE A 235 7.49 -13.59 2.24
CA ILE A 235 6.60 -13.64 1.10
C ILE A 235 5.72 -12.40 1.12
N LEU A 236 5.85 -11.57 0.10
CA LEU A 236 5.11 -10.32 0.01
C LEU A 236 4.19 -10.35 -1.20
N VAL A 237 2.87 -10.17 -0.99
CA VAL A 237 1.96 -10.27 -2.13
C VAL A 237 0.95 -9.14 -2.23
N ALA A 238 0.38 -9.01 -3.43
CA ALA A 238 -0.75 -8.16 -3.74
C ALA A 238 -0.64 -6.73 -3.20
N PRO A 239 0.33 -5.98 -3.69
CA PRO A 239 0.46 -4.59 -3.19
C PRO A 239 -0.70 -3.73 -3.67
N SER A 240 -1.02 -2.66 -2.94
CA SER A 240 -2.04 -1.70 -3.39
C SER A 240 -1.67 -0.34 -2.85
N LEU A 241 -2.04 0.73 -3.56
CA LEU A 241 -1.50 2.06 -3.28
C LEU A 241 -2.60 3.11 -3.10
N SER A 242 -2.36 4.09 -2.21
CA SER A 242 -3.33 5.18 -2.03
C SER A 242 -2.56 6.49 -1.98
N TYR A 243 -3.24 7.56 -2.36
CA TYR A 243 -2.68 8.92 -2.36
C TYR A 243 -3.37 9.74 -1.28
N ILE A 244 -2.59 10.41 -0.41
CA ILE A 244 -3.16 11.32 0.60
C ILE A 244 -2.34 12.61 0.64
N TYR A 245 -2.88 13.64 1.26
CA TYR A 245 -2.07 14.82 1.49
C TYR A 245 -2.33 15.40 2.88
N SER A 246 -1.28 15.99 3.44
CA SER A 246 -1.25 16.40 4.85
C SER A 246 -2.09 17.64 5.12
N GLU A 247 -2.08 18.10 6.37
CA GLU A 247 -2.96 19.19 6.80
C GLU A 247 -2.64 20.50 6.07
N GLY A 248 -1.42 20.57 5.54
CA GLY A 248 -0.96 21.75 4.80
C GLY A 248 -0.61 21.47 3.33
N GLY A 249 -1.03 20.31 2.82
CA GLY A 249 -0.90 20.03 1.39
C GLY A 249 0.28 19.14 0.95
N THR A 250 1.08 18.65 1.89
CA THR A 250 2.19 17.73 1.51
C THR A 250 1.67 16.35 1.09
N PRO A 251 2.00 15.91 -0.14
CA PRO A 251 1.50 14.60 -0.64
C PRO A 251 2.37 13.43 -0.24
N HIS A 252 1.71 12.33 0.14
CA HIS A 252 2.39 11.08 0.43
C HIS A 252 1.70 9.94 -0.30
N VAL A 253 2.43 8.85 -0.48
CA VAL A 253 1.85 7.63 -1.06
C VAL A 253 1.80 6.59 0.05
N VAL A 254 0.71 5.84 0.11
CA VAL A 254 0.56 4.82 1.13
C VAL A 254 0.50 3.45 0.40
N LEU A 255 1.38 2.55 0.80
CA LEU A 255 1.45 1.20 0.22
C LEU A 255 0.93 0.17 1.22
N LEU A 256 -0.12 -0.57 0.82
CA LEU A 256 -0.55 -1.73 1.59
C LEU A 256 -0.02 -2.99 0.93
N TYR A 257 0.33 -3.98 1.74
CA TYR A 257 0.76 -5.27 1.19
C TYR A 257 0.55 -6.37 2.22
N THR A 258 0.55 -7.61 1.76
CA THR A 258 0.36 -8.72 2.68
C THR A 258 1.64 -9.54 2.79
N ASN A 259 2.02 -9.79 4.03
CA ASN A 259 3.23 -10.55 4.34
C ASN A 259 2.77 -11.93 4.79
N ARG A 260 2.95 -12.93 3.93
CA ARG A 260 2.48 -14.28 4.28
C ARG A 260 3.50 -15.09 5.09
N THR A 261 4.62 -14.47 5.46
CA THR A 261 5.55 -15.11 6.38
C THR A 261 5.22 -14.73 7.82
N THR A 262 5.00 -13.44 8.08
CA THR A 262 4.58 -13.03 9.42
C THR A 262 3.06 -13.14 9.60
N HIS A 263 2.32 -13.30 8.50
CA HIS A 263 0.87 -13.41 8.53
C HIS A 263 0.18 -12.09 8.96
N PHE A 264 0.61 -10.98 8.37
CA PHE A 264 0.00 -9.66 8.63
C PHE A 264 -0.11 -8.86 7.34
N CYS A 265 -1.19 -8.09 7.23
CA CYS A 265 -1.30 -7.05 6.21
C CYS A 265 -0.70 -5.77 6.84
N TYR A 266 0.15 -5.06 6.11
CA TYR A 266 0.83 -3.87 6.63
C TYR A 266 0.64 -2.69 5.70
N TYR A 267 0.90 -1.47 6.18
CA TYR A 267 1.18 -0.37 5.26
C TYR A 267 2.49 0.31 5.61
N ARG A 268 3.06 1.01 4.63
CA ARG A 268 4.18 1.90 4.86
C ARG A 268 3.83 3.17 4.07
N THR A 269 4.53 4.28 4.32
CA THR A 269 4.23 5.48 3.55
C THR A 269 5.52 6.02 2.97
N ILE A 270 5.42 6.94 2.02
CA ILE A 270 6.61 7.65 1.55
C ILE A 270 6.15 9.02 1.09
N LEU A 271 7.01 10.04 1.25
CA LEU A 271 6.77 11.34 0.64
C LEU A 271 6.74 11.18 -0.85
N LEU A 272 5.73 11.72 -1.51
CA LEU A 272 5.69 11.62 -2.97
C LEU A 272 7.01 12.14 -3.58
N ALA A 273 7.52 13.26 -3.05
CA ALA A 273 8.82 13.78 -3.52
C ALA A 273 9.91 12.72 -3.50
N LYS A 274 9.96 11.92 -2.45
CA LYS A 274 10.95 10.83 -2.37
C LYS A 274 10.65 9.72 -3.39
N ALA A 275 9.39 9.31 -3.47
CA ALA A 275 9.00 8.26 -4.42
C ALA A 275 9.34 8.62 -5.87
N VAL A 276 9.25 9.90 -6.21
CA VAL A 276 9.55 10.33 -7.57
C VAL A 276 11.06 10.20 -7.82
N ALA A 277 11.82 10.42 -6.76
CA ALA A 277 13.29 10.40 -6.82
C ALA A 277 13.87 8.98 -6.83
N GLY A 278 13.13 8.01 -6.28
CA GLY A 278 13.64 6.65 -6.22
C GLY A 278 12.83 5.74 -5.31
N SER A 279 13.35 4.55 -5.03
CA SER A 279 12.58 3.53 -4.32
C SER A 279 12.90 3.47 -2.82
N SER A 280 13.83 4.31 -2.36
CA SER A 280 14.14 4.32 -0.93
C SER A 280 13.47 5.52 -0.25
N GLY A 281 13.37 5.45 1.08
CA GLY A 281 12.69 6.48 1.86
C GLY A 281 11.32 6.08 2.40
N TRP A 282 10.92 4.82 2.19
CA TRP A 282 9.63 4.35 2.71
C TRP A 282 9.72 4.26 4.23
N THR A 283 8.60 4.46 4.91
CA THR A 283 8.63 4.45 6.35
C THR A 283 8.41 3.04 6.92
N GLU A 284 8.34 2.96 8.24
CA GLU A 284 8.22 1.70 8.95
C GLU A 284 6.86 1.02 8.70
N ARG A 285 6.85 -0.32 8.73
CA ARG A 285 5.61 -1.05 8.49
C ARG A 285 4.68 -0.97 9.71
N VAL A 286 3.38 -0.84 9.45
CA VAL A 286 2.36 -0.83 10.48
C VAL A 286 1.32 -1.90 10.12
N PRO A 287 1.08 -2.84 11.05
CA PRO A 287 0.07 -3.89 10.82
C PRO A 287 -1.35 -3.34 10.94
N VAL A 288 -2.18 -3.61 9.94
CA VAL A 288 -3.57 -3.23 10.00
C VAL A 288 -4.52 -4.42 10.16
N TYR A 289 -4.01 -5.63 9.93
CA TYR A 289 -4.90 -6.81 10.08
C TYR A 289 -4.08 -8.09 10.09
N SER A 290 -4.47 -9.05 10.93
CA SER A 290 -3.95 -10.40 10.79
C SER A 290 -4.28 -10.93 9.39
N ALA A 291 -3.40 -11.74 8.82
CA ALA A 291 -3.62 -12.30 7.50
C ALA A 291 -3.13 -13.76 7.51
N PRO A 292 -3.96 -14.67 8.05
CA PRO A 292 -3.56 -16.07 8.17
C PRO A 292 -3.44 -16.75 6.79
N ALA A 293 -2.42 -17.60 6.63
CA ALA A 293 -2.31 -18.48 5.47
C ALA A 293 -2.38 -17.73 4.15
N ALA A 294 -3.33 -18.09 3.27
CA ALA A 294 -3.44 -17.43 1.95
C ALA A 294 -4.31 -16.14 1.89
N SER A 295 -4.17 -15.29 2.85
CA SER A 295 -4.79 -13.97 2.93
C SER A 295 -3.90 -13.00 2.12
N GLY A 296 -4.07 -11.68 1.99
CA GLY A 296 -5.13 -10.82 1.66
C GLY A 296 -5.49 -9.97 0.46
N TYR A 297 -4.73 -9.26 -0.43
CA TYR A 297 -5.47 -8.63 -1.55
C TYR A 297 -6.41 -7.49 -1.09
N THR A 298 -5.42 -6.45 -0.87
CA THR A 298 -5.99 -5.22 -0.29
C THR A 298 -6.51 -4.24 -1.35
N SER A 299 -7.45 -3.39 -0.93
CA SER A 299 -7.92 -2.28 -1.77
C SER A 299 -8.44 -1.18 -0.84
N GLN A 300 -8.53 0.04 -1.34
CA GLN A 300 -8.82 1.19 -0.50
C GLN A 300 -9.72 2.16 -1.24
N VAL A 301 -10.46 2.93 -0.45
CA VAL A 301 -11.15 4.12 -0.93
C VAL A 301 -10.63 5.25 -0.02
N VAL A 302 -10.38 6.43 -0.57
CA VAL A 302 -9.86 7.55 0.25
C VAL A 302 -10.87 8.68 0.33
N LEU A 303 -11.14 9.14 1.55
CA LEU A 303 -12.05 10.27 1.77
C LEU A 303 -11.26 11.51 2.21
N GLY A 304 -11.64 12.68 1.69
CA GLY A 304 -11.06 13.94 2.15
C GLY A 304 -9.55 14.11 1.99
N GLY A 305 -8.97 13.34 1.08
CA GLY A 305 -7.52 13.34 0.86
C GLY A 305 -6.71 12.81 2.03
N ARG A 306 -7.39 12.17 3.02
CA ARG A 306 -6.91 12.08 4.42
C ARG A 306 -7.24 10.68 5.02
N ARG A 307 -8.33 10.07 4.57
CA ARG A 307 -9.01 9.02 5.36
C ARG A 307 -9.19 7.75 4.55
N ILE A 308 -8.31 6.79 4.80
CA ILE A 308 -8.27 5.54 4.03
C ILE A 308 -9.21 4.50 4.65
N LEU A 309 -10.08 3.98 3.79
CA LEU A 309 -10.98 2.88 4.10
C LEU A 309 -10.46 1.67 3.36
N GLY A 310 -10.34 0.53 4.04
CA GLY A 310 -9.64 -0.60 3.43
C GLY A 310 -10.41 -1.91 3.46
N ASN A 311 -10.00 -2.83 2.58
CA ASN A 311 -10.54 -4.19 2.56
C ASN A 311 -9.39 -5.16 2.25
N LEU A 312 -9.42 -6.32 2.89
CA LEU A 312 -8.61 -7.43 2.42
C LEU A 312 -9.46 -8.70 2.53
N PHE A 313 -8.92 -9.80 2.02
CA PHE A 313 -9.61 -11.09 2.17
C PHE A 313 -8.81 -11.95 3.12
N ARG A 314 -9.50 -12.72 3.95
CA ARG A 314 -8.80 -13.58 4.89
C ARG A 314 -9.40 -14.99 4.88
N GLU A 315 -8.52 -15.97 4.92
CA GLU A 315 -8.95 -17.37 4.97
C GLU A 315 -9.39 -17.70 6.39
N THR A 316 -10.48 -18.46 6.50
CA THR A 316 -10.81 -19.09 7.78
C THR A 316 -10.42 -20.57 7.74
N SER A 317 -10.10 -21.06 6.54
CA SER A 317 -9.55 -22.40 6.32
C SER A 317 -9.01 -22.45 4.90
N SER A 318 -8.45 -23.59 4.51
CA SER A 318 -7.87 -23.69 3.19
C SER A 318 -8.92 -23.60 2.09
N THR A 319 -10.20 -23.74 2.44
CA THR A 319 -11.28 -23.66 1.44
C THR A 319 -12.38 -22.66 1.75
N THR A 320 -12.18 -21.81 2.76
CA THR A 320 -13.19 -20.80 3.07
C THR A 320 -12.49 -19.48 3.37
N SER A 321 -13.08 -18.37 2.93
CA SER A 321 -12.48 -17.06 3.16
C SER A 321 -13.55 -15.96 3.01
N GLY A 322 -13.27 -14.78 3.54
CA GLY A 322 -14.24 -13.69 3.45
C GLY A 322 -13.50 -12.38 3.24
N ALA A 323 -14.26 -11.30 3.04
CA ALA A 323 -13.69 -9.94 2.99
C ALA A 323 -13.81 -9.31 4.39
N TYR A 324 -12.73 -8.70 4.83
CA TYR A 324 -12.67 -8.02 6.13
C TYR A 324 -12.22 -6.58 5.89
N GLN A 325 -13.01 -5.63 6.39
CA GLN A 325 -12.70 -4.22 6.17
C GLN A 325 -12.03 -3.57 7.38
N PHE A 326 -11.39 -2.43 7.16
CA PHE A 326 -10.67 -1.75 8.22
C PHE A 326 -10.51 -0.27 7.85
N GLU A 327 -9.94 0.50 8.78
CA GLU A 327 -9.66 1.90 8.48
C GLU A 327 -8.22 2.15 8.87
N VAL A 328 -7.55 3.03 8.13
CA VAL A 328 -6.18 3.36 8.46
C VAL A 328 -6.10 4.77 9.05
N TYR A 329 -5.50 4.88 10.22
CA TYR A 329 -5.35 6.17 10.88
C TYR A 329 -3.91 6.63 10.77
N LEU A 330 -3.68 7.49 9.78
CA LEU A 330 -2.32 7.94 9.47
C LEU A 330 -1.76 8.96 10.46
N GLY A 331 -2.62 9.66 11.22
CA GLY A 331 -2.16 10.78 12.03
C GLY A 331 -1.55 11.87 11.14
N GLY A 332 -0.69 12.71 11.73
CA GLY A 332 0.00 13.74 10.94
C GLY A 332 1.33 13.18 10.46
N VAL A 333 1.40 12.88 9.17
CA VAL A 333 2.60 12.25 8.65
C VAL A 333 3.72 13.31 8.61
N PRO A 334 4.89 12.97 9.16
CA PRO A 334 5.98 13.97 9.13
C PRO A 334 6.36 14.41 7.71
N ASP A 335 6.66 15.69 7.58
CA ASP A 335 7.25 16.21 6.36
C ASP A 335 8.70 15.81 6.18
N PHE A 336 9.38 15.53 7.29
CA PHE A 336 10.77 15.07 7.29
C PHE A 336 10.91 14.05 8.38
N GLU A 337 11.66 12.99 8.11
CA GLU A 337 11.83 11.95 9.07
C GLU A 337 13.21 11.32 8.78
N SER A 338 14.08 11.24 9.79
CA SER A 338 15.40 10.63 9.58
C SER A 338 15.33 9.12 9.76
N ASP A 339 16.36 8.39 9.36
CA ASP A 339 16.49 7.01 9.83
C ASP A 339 16.75 7.05 11.34
N TRP A 340 16.67 5.91 12.02
CA TRP A 340 17.42 5.78 13.28
C TRP A 340 18.89 5.88 12.91
N PHE A 341 19.62 6.81 13.53
CA PHE A 341 21.05 6.98 13.23
C PHE A 341 21.86 7.00 14.52
N SER A 342 23.10 6.50 14.47
CA SER A 342 23.90 6.39 15.69
C SER A 342 24.36 7.76 16.17
N VAL A 343 24.37 7.95 17.49
CA VAL A 343 24.83 9.20 18.08
C VAL A 343 25.75 8.93 19.24
N SER A 344 26.58 9.93 19.56
CA SER A 344 27.53 9.88 20.67
C SER A 344 27.50 11.16 21.49
N SER A 345 28.16 11.13 22.64
CA SER A 345 28.11 12.26 23.55
C SER A 345 28.84 13.50 23.03
N ASN A 346 28.43 14.68 23.50
CA ASN A 346 29.16 15.92 23.23
C ASN A 346 29.51 16.05 21.75
N SER A 347 28.50 15.83 20.90
CA SER A 347 28.64 15.87 19.46
C SER A 347 27.55 16.73 18.80
N LEU A 348 27.70 16.99 17.52
CA LEU A 348 26.81 17.86 16.78
C LEU A 348 26.32 17.11 15.55
N TYR A 349 25.00 16.98 15.43
CA TYR A 349 24.40 16.29 14.27
C TYR A 349 23.67 17.28 13.38
N THR A 350 23.93 17.21 12.08
CA THR A 350 23.39 18.21 11.17
C THR A 350 22.54 17.51 10.13
N LEU A 351 21.25 17.80 10.15
CA LEU A 351 20.30 17.12 9.28
C LEU A 351 19.65 18.09 8.32
N SER A 352 19.91 17.90 7.04
CA SER A 352 19.24 18.69 6.01
C SER A 352 17.78 18.22 5.92
N HIS A 353 16.82 19.11 6.21
CA HIS A 353 15.42 18.71 6.26
C HIS A 353 14.70 18.70 4.91
N GLY A 354 15.26 19.39 3.92
CA GLY A 354 14.66 19.42 2.59
C GLY A 354 13.31 20.11 2.46
N LEU A 355 12.92 20.89 3.47
CA LEU A 355 11.58 21.47 3.50
C LEU A 355 11.48 22.85 2.89
N GLN A 356 10.31 23.16 2.32
CA GLN A 356 10.06 24.47 1.72
C GLN A 356 10.17 25.65 2.70
N ARG A 357 9.96 25.42 3.98
CA ARG A 357 10.18 26.44 4.99
C ARG A 357 10.69 25.72 6.24
N SER A 358 11.23 26.44 7.22
CA SER A 358 11.72 25.77 8.41
C SER A 358 10.52 25.05 9.08
N PRO A 359 10.77 23.84 9.62
CA PRO A 359 9.68 23.09 10.24
C PRO A 359 9.26 23.77 11.54
N ARG A 360 7.96 23.94 11.79
CA ARG A 360 7.57 24.63 13.01
C ARG A 360 7.65 23.69 14.21
N ARG A 361 7.59 22.38 13.94
CA ARG A 361 7.63 21.38 15.01
C ARG A 361 8.67 20.29 14.74
N VAL A 362 9.38 19.91 15.80
CA VAL A 362 10.40 18.89 15.71
C VAL A 362 10.32 17.97 16.94
N VAL A 363 10.46 16.67 16.70
CA VAL A 363 10.57 15.69 17.78
C VAL A 363 11.89 14.93 17.62
N VAL A 364 12.61 14.73 18.71
CA VAL A 364 13.80 13.88 18.72
C VAL A 364 13.58 12.71 19.68
N GLU A 365 13.82 11.49 19.21
CA GLU A 365 13.62 10.30 20.06
C GLU A 365 14.88 9.44 20.07
N PHE A 366 14.99 8.60 21.09
CA PHE A 366 16.23 7.87 21.37
C PHE A 366 15.92 6.39 21.57
N ALA A 367 16.78 5.53 21.01
CA ALA A 367 16.69 4.10 21.23
C ALA A 367 18.07 3.49 21.22
N ARG A 368 18.18 2.26 21.70
CA ARG A 368 19.47 1.61 21.77
C ARG A 368 19.77 0.73 20.57
N SER A 369 18.83 0.66 19.63
CA SER A 369 19.11 0.00 18.36
C SER A 369 18.39 0.76 17.25
N SER A 370 18.65 0.39 16.00
CA SER A 370 18.03 1.03 14.84
C SER A 370 16.76 0.29 14.41
N SER A 371 16.37 -0.71 15.22
CA SER A 371 15.11 -1.42 15.05
C SER A 371 14.38 -1.58 16.40
N PRO A 372 14.07 -0.45 17.08
CA PRO A 372 13.64 -0.56 18.48
C PRO A 372 12.16 -0.92 18.61
N SER A 373 11.82 -1.49 19.75
CA SER A 373 10.41 -1.72 20.02
C SER A 373 9.87 -0.61 20.95
N THR A 374 10.76 0.03 21.71
CA THR A 374 10.41 1.22 22.52
C THR A 374 11.48 2.30 22.34
N TRP A 375 11.10 3.55 22.57
CA TRP A 375 12.04 4.66 22.44
C TRP A 375 11.61 5.78 23.38
N ASN A 376 12.54 6.70 23.65
CA ASN A 376 12.27 7.78 24.61
C ASN A 376 12.30 9.11 23.90
N ILE A 377 11.53 10.07 24.42
CA ILE A 377 11.55 11.44 23.91
C ILE A 377 12.79 12.13 24.46
N VAL A 378 13.54 12.81 23.60
CA VAL A 378 14.80 13.46 24.00
C VAL A 378 14.54 14.94 24.31
N MET A 379 14.90 15.34 25.53
CA MET A 379 14.76 16.73 26.02
C MET A 379 15.99 16.99 26.87
N PRO A 380 16.51 18.23 26.83
CA PRO A 380 17.84 18.52 27.43
C PRO A 380 17.82 18.53 28.95
N SER A 381 18.24 17.43 29.58
CA SER A 381 18.26 17.38 31.04
C SER A 381 19.67 17.49 31.61
N TYR A 382 19.83 17.03 32.84
CA TYR A 382 21.08 17.14 33.56
C TYR A 382 21.22 16.02 34.58
N PHE A 383 22.46 15.58 34.80
CA PHE A 383 22.76 14.76 35.97
C PHE A 383 24.17 15.06 36.45
N ASN A 384 24.48 14.57 37.64
CA ASN A 384 25.77 14.85 38.23
C ASN A 384 26.35 13.53 38.71
N ASP A 385 27.49 13.15 38.17
CA ASP A 385 28.07 11.88 38.54
C ASP A 385 29.43 12.09 39.20
N GLY A 386 29.62 13.28 39.76
CA GLY A 386 30.91 13.72 40.23
C GLY A 386 31.19 15.06 39.58
N GLY A 387 30.74 15.21 38.33
CA GLY A 387 30.84 16.48 37.62
C GLY A 387 29.52 16.79 36.93
N HIS A 388 29.43 17.99 36.39
CA HIS A 388 28.21 18.49 35.73
C HIS A 388 28.10 17.92 34.33
N LYS A 389 26.93 17.37 34.02
CA LYS A 389 26.69 16.74 32.74
C LYS A 389 25.31 17.01 32.14
N GLY A 390 25.28 17.41 30.87
CA GLY A 390 24.03 17.47 30.13
C GLY A 390 23.59 16.08 29.68
N SER A 391 22.29 15.88 29.58
CA SER A 391 21.75 14.63 29.11
C SER A 391 20.68 14.93 28.05
N GLY A 392 20.80 14.28 26.90
CA GLY A 392 19.86 14.48 25.83
C GLY A 392 20.46 15.40 24.79
N ALA A 393 19.62 16.25 24.22
CA ALA A 393 20.06 17.10 23.11
C ALA A 393 19.40 18.47 23.12
N GLN A 394 20.18 19.49 22.78
CA GLN A 394 19.60 20.79 22.42
C GLN A 394 19.35 20.81 20.90
N VAL A 395 18.43 21.66 20.46
CA VAL A 395 18.02 21.67 19.07
C VAL A 395 18.06 23.07 18.47
N GLU A 396 18.64 23.15 17.28
CA GLU A 396 18.59 24.36 16.50
C GLU A 396 17.81 24.06 15.22
N VAL A 397 16.91 24.97 14.85
CA VAL A 397 16.18 24.87 13.59
C VAL A 397 16.51 26.08 12.69
N GLY A 398 16.58 25.86 11.38
CA GLY A 398 16.74 26.94 10.41
C GLY A 398 16.10 26.53 9.10
N SER A 399 16.35 27.28 8.04
CA SER A 399 15.69 27.06 6.75
C SER A 399 16.32 25.91 5.94
N LEU A 400 17.48 25.45 6.38
CA LEU A 400 18.11 24.30 5.71
C LEU A 400 18.18 23.06 6.59
N ASN A 401 18.66 23.27 7.80
CA ASN A 401 19.03 22.18 8.71
C ASN A 401 18.30 22.14 10.05
N ILE A 402 18.17 20.94 10.59
CA ILE A 402 17.97 20.76 12.03
C ILE A 402 19.33 20.32 12.55
N ARG A 403 19.81 20.97 13.61
CA ARG A 403 21.04 20.55 14.24
C ARG A 403 20.78 20.15 15.66
N LEU A 404 21.40 19.05 16.07
CA LEU A 404 21.25 18.52 17.41
C LEU A 404 22.62 18.53 18.11
N GLY A 405 22.64 19.03 19.33
CA GLY A 405 23.84 19.00 20.15
C GLY A 405 23.63 18.07 21.33
N THR A 406 24.45 17.02 21.44
CA THR A 406 24.23 16.01 22.47
C THR A 406 25.01 16.34 23.70
N GLY A 407 24.51 15.92 24.86
CA GLY A 407 25.22 16.14 26.12
C GLY A 407 26.22 15.02 26.38
N ALA A 408 26.77 14.99 27.58
CA ALA A 408 27.64 13.89 28.04
C ALA A 408 26.90 12.54 27.97
N ALA A 409 25.58 12.55 28.18
CA ALA A 409 24.77 11.38 27.87
C ALA A 409 23.89 11.78 26.72
N VAL A 410 23.69 10.89 25.76
CA VAL A 410 22.75 11.21 24.67
C VAL A 410 21.30 11.03 25.17
N TRP A 411 21.13 10.26 26.25
CA TRP A 411 19.82 10.14 26.92
C TRP A 411 20.04 9.57 28.31
N GLY A 412 19.20 9.94 29.28
CA GLY A 412 19.26 9.31 30.59
C GLY A 412 19.97 10.11 31.66
N THR A 413 19.53 9.94 32.90
CA THR A 413 19.99 10.75 34.03
C THR A 413 20.10 9.92 35.30
N GLY A 414 19.31 8.84 35.39
CA GLY A 414 19.18 8.07 36.63
C GLY A 414 18.18 8.61 37.65
N TYR A 415 17.50 9.70 37.31
CA TYR A 415 16.65 10.42 38.28
C TYR A 415 15.14 10.20 38.16
N PHE A 416 14.69 9.34 37.25
CA PHE A 416 13.26 9.24 36.92
C PHE A 416 12.74 7.80 37.00
N GLY A 417 11.57 7.60 37.60
CA GLY A 417 11.17 6.25 37.96
C GLY A 417 11.03 5.28 36.81
N GLY A 418 11.35 4.01 37.07
CA GLY A 418 11.06 2.95 36.13
C GLY A 418 11.97 2.88 34.91
N ILE A 419 11.94 3.93 34.07
CA ILE A 419 12.65 3.88 32.79
C ILE A 419 13.97 4.65 32.76
N ASP A 420 14.29 5.35 33.84
CA ASP A 420 15.53 6.16 33.85
C ASP A 420 16.04 6.30 35.28
N ASN A 421 16.12 5.16 35.98
CA ASN A 421 16.18 5.13 37.45
C ASN A 421 17.52 4.61 38.00
N SER A 422 18.55 4.53 37.14
CA SER A 422 19.87 4.09 37.62
C SER A 422 21.00 4.69 36.78
N ALA A 423 22.23 4.62 37.30
CA ALA A 423 23.38 5.14 36.58
C ALA A 423 23.49 4.42 35.24
N THR A 424 22.94 3.21 35.21
CA THR A 424 22.92 2.36 34.02
C THR A 424 22.03 2.87 32.88
N THR A 425 21.13 3.81 33.17
CA THR A 425 20.30 4.36 32.09
C THR A 425 20.89 5.67 31.56
N ARG A 426 22.11 6.02 31.99
CA ARG A 426 22.85 7.15 31.43
C ARG A 426 23.62 6.64 30.20
N PHE A 427 23.09 6.87 29.01
CA PHE A 427 23.69 6.29 27.83
C PHE A 427 24.58 7.30 27.11
N ALA A 428 25.83 6.91 26.91
CA ALA A 428 26.78 7.73 26.18
C ALA A 428 26.62 7.60 24.66
N THR A 429 25.99 6.53 24.24
CA THR A 429 25.74 6.24 22.84
C THR A 429 24.38 5.60 22.61
N GLY A 430 23.95 5.66 21.37
CA GLY A 430 22.74 5.03 20.94
C GLY A 430 22.32 5.49 19.56
N TYR A 431 21.03 5.65 19.42
CA TYR A 431 20.43 6.02 18.19
C TYR A 431 19.39 7.12 18.42
N TYR A 432 19.37 8.09 17.53
CA TYR A 432 18.32 9.11 17.50
C TYR A 432 17.48 8.96 16.25
N ARG A 433 16.22 9.41 16.33
CA ARG A 433 15.42 9.61 15.16
C ARG A 433 14.79 11.00 15.25
N VAL A 434 14.86 11.77 14.16
CA VAL A 434 14.30 13.11 14.16
C VAL A 434 13.12 13.13 13.25
N ARG A 435 12.01 13.68 13.74
CA ARG A 435 10.85 13.93 12.89
C ARG A 435 10.54 15.44 12.90
N ALA A 436 10.06 15.94 11.77
CA ALA A 436 9.77 17.38 11.67
C ALA A 436 8.50 17.57 10.87
N TRP A 437 7.71 18.55 11.31
CA TRP A 437 6.46 18.85 10.62
C TRP A 437 6.51 20.32 10.31
N ILE A 438 6.19 20.67 9.08
CA ILE A 438 6.15 22.07 8.73
C ILE A 438 5.13 22.80 9.62
C1 GOL B . -21.56 -21.92 1.36
O1 GOL B . -21.20 -22.98 0.45
C2 GOL B . -23.03 -21.81 1.78
O2 GOL B . -23.16 -20.88 2.84
C3 GOL B . -23.60 -23.14 2.26
O3 GOL B . -23.68 -23.24 3.68
C1 GOL C . 11.31 31.01 5.12
O1 GOL C . 12.35 30.69 4.22
C2 GOL C . 11.24 30.02 6.27
O2 GOL C . 12.32 29.11 6.32
C3 GOL C . 11.03 30.78 7.57
O3 GOL C . 11.12 29.97 8.71
C1 GOL D . 9.03 -3.72 1.62
O1 GOL D . 9.51 -4.61 0.62
C2 GOL D . 10.18 -3.50 2.61
O2 GOL D . 10.66 -4.78 2.97
C3 GOL D . 11.31 -2.67 1.99
O3 GOL D . 12.41 -2.49 2.90
C1 GOL E . -17.79 -23.92 1.06
O1 GOL E . -18.79 -23.09 0.52
C2 GOL E . -16.54 -23.75 0.20
O2 GOL E . -15.98 -22.46 0.30
C3 GOL E . -15.47 -24.77 0.50
O3 GOL E . -15.87 -25.98 -0.07
#